data_3U59
#
_entry.id   3U59
#
_cell.length_a   43.121
_cell.length_b   75.711
_cell.length_c   137.637
_cell.angle_alpha   90.00
_cell.angle_beta   90.00
_cell.angle_gamma   90.00
#
_symmetry.space_group_name_H-M   'P 21 21 2'
#
loop_
_entity.id
_entity.type
_entity.pdbx_description
1 polymer 'Tropomyosin beta chain'
2 water water
#
_entity_poly.entity_id   1
_entity_poly.type   'polypeptide(L)'
_entity_poly.pdbx_seq_one_letter_code
;GASMEAIKKKMQMLKLDKENAIDRAEQAEADKKQAEDRCKQLEEEQQGLQKKLKGTEDEVEKYSESVKEAQEKLEQAEKK
ATDAEAEVASLNRRIQLVEEE
;
_entity_poly.pdbx_strand_id   A,B,C,D
#
# COMPACT_ATOMS: atom_id res chain seq x y z
N ALA A 2 -11.25 -6.60 12.50
CA ALA A 2 -11.20 -6.00 11.14
C ALA A 2 -10.93 -7.07 10.10
N SER A 3 -11.90 -7.27 9.20
CA SER A 3 -11.65 -8.10 8.02
C SER A 3 -10.74 -7.32 7.08
N MET A 4 -10.20 -6.23 7.59
CA MET A 4 -9.24 -5.44 6.84
C MET A 4 -7.90 -6.18 6.73
N GLU A 5 -7.74 -7.28 7.47
CA GLU A 5 -6.46 -8.01 7.55
C GLU A 5 -5.97 -8.68 6.27
N ALA A 6 -6.88 -9.23 5.45
CA ALA A 6 -6.50 -9.88 4.18
C ALA A 6 -6.23 -8.87 3.05
N ILE A 7 -6.99 -7.77 3.07
CA ILE A 7 -6.72 -6.67 2.17
C ILE A 7 -5.34 -6.06 2.48
N LYS A 8 -5.18 -5.60 3.73
CA LYS A 8 -3.92 -5.02 4.24
C LYS A 8 -2.75 -5.86 3.78
N LYS A 9 -2.87 -7.15 4.09
CA LYS A 9 -1.89 -8.15 3.79
C LYS A 9 -1.58 -8.23 2.31
N LYS A 10 -2.58 -7.97 1.49
CA LYS A 10 -2.41 -8.07 0.05
C LYS A 10 -1.84 -6.81 -0.61
N MET A 11 -2.12 -5.63 -0.08
CA MET A 11 -1.52 -4.39 -0.57
C MET A 11 -0.03 -4.48 -0.20
N GLN A 12 0.23 -5.12 0.95
CA GLN A 12 1.58 -5.39 1.43
C GLN A 12 2.39 -6.14 0.37
N MET A 13 1.96 -7.35 0.06
CA MET A 13 2.52 -8.13 -1.04
C MET A 13 2.64 -7.42 -2.41
N LEU A 14 1.70 -6.54 -2.76
CA LEU A 14 1.81 -5.85 -4.05
C LEU A 14 3.00 -4.90 -4.12
N LYS A 15 3.27 -4.33 -2.95
CA LYS A 15 4.33 -3.36 -2.75
CA LYS A 15 4.32 -3.35 -2.71
C LYS A 15 5.70 -4.01 -2.77
N LEU A 16 5.76 -5.18 -2.17
CA LEU A 16 6.94 -5.95 -2.04
C LEU A 16 7.29 -6.40 -3.43
N ASP A 17 6.26 -6.82 -4.14
CA ASP A 17 6.39 -7.33 -5.49
C ASP A 17 7.01 -6.28 -6.34
N LYS A 18 6.49 -5.08 -6.21
CA LYS A 18 6.94 -4.00 -7.02
C LYS A 18 8.36 -3.56 -6.71
N GLU A 19 8.72 -3.51 -5.43
CA GLU A 19 10.08 -3.15 -5.08
C GLU A 19 11.04 -4.27 -5.43
N ASN A 20 10.63 -5.54 -5.34
CA ASN A 20 11.49 -6.59 -5.86
C ASN A 20 11.70 -6.39 -7.35
N ALA A 21 10.64 -6.10 -8.09
CA ALA A 21 10.82 -5.89 -9.50
C ALA A 21 11.71 -4.68 -9.79
N ILE A 22 11.60 -3.61 -9.00
CA ILE A 22 12.45 -2.45 -9.25
C ILE A 22 13.90 -2.82 -8.98
N ASP A 23 14.14 -3.64 -7.96
CA ASP A 23 15.49 -4.10 -7.67
C ASP A 23 16.08 -4.85 -8.84
N ARG A 24 15.25 -5.67 -9.46
CA ARG A 24 15.65 -6.45 -10.61
C ARG A 24 15.95 -5.53 -11.80
N ALA A 25 15.09 -4.55 -12.05
CA ALA A 25 15.31 -3.70 -13.19
C ALA A 25 16.66 -3.06 -13.05
N GLU A 26 16.85 -2.48 -11.87
CA GLU A 26 18.05 -1.73 -11.58
C GLU A 26 19.31 -2.52 -11.73
N GLN A 27 19.29 -3.76 -11.26
CA GLN A 27 20.45 -4.61 -11.38
C GLN A 27 20.70 -5.01 -12.83
N ALA A 28 19.64 -5.28 -13.59
CA ALA A 28 19.80 -5.60 -14.99
C ALA A 28 20.41 -4.41 -15.72
N GLU A 29 20.00 -3.22 -15.32
CA GLU A 29 20.52 -2.00 -15.95
C GLU A 29 21.97 -1.79 -15.62
N ALA A 30 22.38 -2.17 -14.42
CA ALA A 30 23.79 -2.07 -14.06
C ALA A 30 24.64 -3.01 -14.91
N ASP A 31 24.10 -4.19 -15.17
CA ASP A 31 24.81 -5.22 -15.90
C ASP A 31 25.05 -4.81 -17.34
N LYS A 32 24.01 -4.23 -17.92
CA LYS A 32 24.03 -3.74 -19.27
C LYS A 32 25.12 -2.70 -19.48
N LYS A 33 25.24 -1.78 -18.52
CA LYS A 33 26.24 -0.70 -18.58
C LYS A 33 27.66 -1.24 -18.61
N GLN A 34 27.91 -2.33 -17.87
CA GLN A 34 29.24 -2.92 -17.88
C GLN A 34 29.46 -3.80 -19.10
N ALA A 35 28.43 -4.54 -19.48
CA ALA A 35 28.47 -5.36 -20.68
C ALA A 35 28.66 -4.43 -21.89
N GLU A 36 28.02 -3.26 -21.83
CA GLU A 36 28.16 -2.27 -22.88
C GLU A 36 29.56 -1.67 -22.92
N ASP A 37 30.22 -1.53 -21.78
CA ASP A 37 31.63 -1.16 -21.84
C ASP A 37 32.48 -2.32 -22.32
N ARG A 38 32.15 -3.53 -21.88
CA ARG A 38 32.86 -4.71 -22.39
C ARG A 38 32.74 -4.71 -23.91
N CYS A 39 31.50 -4.63 -24.42
CA CYS A 39 31.22 -4.41 -25.84
C CYS A 39 32.08 -3.31 -26.46
N LYS A 40 32.07 -2.14 -25.83
CA LYS A 40 32.83 -0.97 -26.29
C LYS A 40 34.32 -1.28 -26.39
N GLN A 41 34.85 -1.91 -25.35
CA GLN A 41 36.29 -2.12 -25.23
C GLN A 41 36.77 -3.12 -26.25
N LEU A 42 35.96 -4.15 -26.48
CA LEU A 42 36.25 -5.17 -27.46
C LEU A 42 36.26 -4.61 -28.89
N GLU A 43 35.53 -3.52 -29.13
CA GLU A 43 35.67 -2.84 -30.42
C GLU A 43 36.86 -1.88 -30.42
N GLU A 44 37.02 -1.09 -29.36
CA GLU A 44 38.11 -0.10 -29.31
C GLU A 44 39.51 -0.74 -29.30
N GLU A 45 39.66 -1.85 -28.58
CA GLU A 45 40.90 -2.62 -28.64
C GLU A 45 41.16 -3.10 -30.05
N GLN A 46 40.10 -3.61 -30.68
CA GLN A 46 40.15 -4.10 -32.06
C GLN A 46 40.72 -3.05 -33.01
N GLN A 47 40.19 -1.82 -32.95
CA GLN A 47 40.66 -0.76 -33.83
C GLN A 47 42.17 -0.58 -33.70
N GLY A 48 42.66 -0.31 -32.50
CA GLY A 48 44.10 -0.25 -32.24
C GLY A 48 44.82 -1.41 -32.94
N LEU A 49 44.20 -2.58 -32.89
CA LEU A 49 44.75 -3.77 -33.52
C LEU A 49 44.88 -3.61 -35.05
N GLN A 50 43.83 -3.08 -35.69
CA GLN A 50 43.88 -2.79 -37.13
C GLN A 50 45.19 -2.10 -37.51
N LYS A 51 45.48 -0.97 -36.84
CA LYS A 51 46.62 -0.11 -37.19
C LYS A 51 47.95 -0.81 -37.00
N LYS A 52 47.98 -1.75 -36.05
CA LYS A 52 49.11 -2.65 -35.91
C LYS A 52 49.26 -3.46 -37.20
N LEU A 53 48.11 -3.83 -37.78
CA LEU A 53 48.08 -4.66 -38.98
C LEU A 53 48.59 -3.98 -40.23
N LYS A 54 48.09 -2.79 -40.53
CA LYS A 54 48.60 -2.01 -41.66
C LYS A 54 50.08 -1.71 -41.46
N GLY A 55 50.44 -1.28 -40.25
CA GLY A 55 51.84 -1.05 -39.88
C GLY A 55 52.73 -2.23 -40.24
N THR A 56 52.27 -3.43 -39.88
CA THR A 56 52.99 -4.66 -40.21
C THR A 56 52.91 -4.97 -41.71
N GLU A 57 51.71 -4.92 -42.28
CA GLU A 57 51.52 -5.25 -43.70
C GLU A 57 52.28 -4.26 -44.60
N ASP A 58 52.47 -3.04 -44.11
CA ASP A 58 53.27 -2.05 -44.82
C ASP A 58 54.76 -2.32 -44.69
N GLU A 59 55.17 -2.97 -43.60
CA GLU A 59 56.54 -3.48 -43.48
C GLU A 59 56.75 -4.60 -44.49
N VAL A 60 55.77 -5.49 -44.62
CA VAL A 60 55.77 -6.52 -45.66
C VAL A 60 56.11 -5.87 -47.00
N GLU A 61 55.42 -4.77 -47.31
CA GLU A 61 55.59 -4.09 -48.59
C GLU A 61 57.06 -3.69 -48.78
N LYS A 62 57.64 -3.04 -47.77
CA LYS A 62 59.05 -2.63 -47.79
C LYS A 62 59.97 -3.79 -48.12
N TYR A 63 59.84 -4.86 -47.34
CA TYR A 63 60.72 -6.02 -47.46
C TYR A 63 60.71 -6.63 -48.84
N SER A 64 59.54 -6.71 -49.47
CA SER A 64 59.46 -7.24 -50.82
C SER A 64 60.30 -6.40 -51.78
N GLU A 65 60.15 -5.09 -51.73
CA GLU A 65 60.99 -4.20 -52.56
C GLU A 65 62.45 -4.16 -52.08
N SER A 66 62.71 -4.57 -50.84
CA SER A 66 64.08 -4.80 -50.37
C SER A 66 64.69 -6.06 -50.99
N VAL A 67 63.98 -7.19 -50.85
CA VAL A 67 64.39 -8.49 -51.38
C VAL A 67 64.65 -8.42 -52.88
N LYS A 68 63.76 -7.76 -53.61
CA LYS A 68 63.84 -7.69 -55.05
C LYS A 68 65.12 -6.97 -55.45
N GLU A 69 65.31 -5.77 -54.92
CA GLU A 69 66.54 -5.01 -55.14
C GLU A 69 67.77 -5.82 -54.73
N ALA A 70 67.66 -6.56 -53.63
CA ALA A 70 68.76 -7.42 -53.17
C ALA A 70 69.03 -8.55 -54.15
N GLN A 71 67.97 -9.22 -54.62
CA GLN A 71 68.11 -10.30 -55.60
C GLN A 71 68.81 -9.76 -56.85
N GLU A 72 68.39 -8.58 -57.29
CA GLU A 72 68.92 -7.94 -58.50
C GLU A 72 70.39 -7.59 -58.38
N LYS A 73 70.80 -7.03 -57.24
CA LYS A 73 72.21 -6.76 -56.98
C LYS A 73 73.01 -8.04 -57.07
N LEU A 74 72.41 -9.12 -56.58
CA LEU A 74 73.04 -10.40 -56.49
C LEU A 74 73.27 -10.99 -57.88
N GLU A 75 72.28 -10.87 -58.77
CA GLU A 75 72.43 -11.39 -60.12
C GLU A 75 73.57 -10.66 -60.84
N GLN A 76 73.61 -9.34 -60.62
CA GLN A 76 74.64 -8.47 -61.17
C GLN A 76 76.04 -8.81 -60.67
N ALA A 77 76.16 -9.18 -59.40
CA ALA A 77 77.44 -9.59 -58.85
C ALA A 77 77.85 -10.94 -59.44
N GLU A 78 76.87 -11.81 -59.66
CA GLU A 78 77.18 -13.16 -60.14
C GLU A 78 77.68 -13.12 -61.59
N LYS A 79 77.14 -12.21 -62.38
CA LYS A 79 77.61 -12.04 -63.74
C LYS A 79 79.05 -11.52 -63.73
N LYS A 80 79.33 -10.57 -62.84
CA LYS A 80 80.66 -10.03 -62.73
C LYS A 80 81.69 -11.09 -62.36
N ALA A 81 81.38 -11.89 -61.35
CA ALA A 81 82.32 -12.92 -60.92
C ALA A 81 82.63 -13.82 -62.12
N THR A 82 81.58 -14.20 -62.83
CA THR A 82 81.65 -15.11 -63.95
C THR A 82 82.49 -14.56 -65.10
N ASP A 83 82.29 -13.29 -65.41
CA ASP A 83 83.05 -12.66 -66.46
C ASP A 83 84.51 -12.44 -66.06
N ALA A 84 84.75 -12.09 -64.80
CA ALA A 84 86.12 -11.92 -64.33
C ALA A 84 86.87 -13.24 -64.40
N GLU A 85 86.19 -14.34 -64.08
CA GLU A 85 86.83 -15.64 -64.15
C GLU A 85 87.08 -16.11 -65.57
N ALA A 86 86.27 -15.65 -66.52
CA ALA A 86 86.52 -15.94 -67.93
C ALA A 86 87.68 -15.10 -68.42
N GLU A 87 87.85 -13.92 -67.88
CA GLU A 87 89.01 -13.17 -68.26
C GLU A 87 90.24 -13.97 -67.86
N VAL A 88 90.20 -14.58 -66.68
CA VAL A 88 91.30 -15.39 -66.24
C VAL A 88 91.53 -16.60 -67.15
N ALA A 89 90.47 -17.30 -67.55
CA ALA A 89 90.62 -18.51 -68.38
C ALA A 89 91.27 -18.30 -69.72
N SER A 90 90.94 -17.18 -70.35
CA SER A 90 91.44 -16.81 -71.65
C SER A 90 92.90 -16.39 -71.62
N LEU A 91 93.25 -15.64 -70.59
CA LEU A 91 94.63 -15.30 -70.35
C LEU A 91 95.42 -16.56 -70.21
N ASN A 92 94.89 -17.55 -69.51
CA ASN A 92 95.52 -18.85 -69.46
C ASN A 92 95.70 -19.44 -70.83
N ARG A 93 94.64 -19.33 -71.62
CA ARG A 93 94.56 -19.95 -72.92
C ARG A 93 95.61 -19.38 -73.84
N ARG A 94 95.75 -18.07 -73.87
CA ARG A 94 96.71 -17.50 -74.80
C ARG A 94 98.14 -17.70 -74.33
N ILE A 95 98.35 -17.75 -73.03
CA ILE A 95 99.69 -18.02 -72.58
C ILE A 95 100.10 -19.40 -72.99
N GLN A 96 99.22 -20.38 -72.86
CA GLN A 96 99.60 -21.71 -73.22
C GLN A 96 99.80 -21.86 -74.74
N LEU A 97 99.24 -20.96 -75.53
CA LEU A 97 99.45 -21.04 -76.99
C LEU A 97 100.84 -20.58 -77.34
N VAL A 98 101.15 -19.35 -76.99
CA VAL A 98 102.43 -18.73 -77.34
C VAL A 98 103.53 -19.63 -76.91
N GLU A 99 103.31 -20.23 -75.75
CA GLU A 99 104.17 -21.23 -75.24
C GLU A 99 104.77 -21.99 -76.42
N GLU A 100 103.94 -22.32 -77.42
CA GLU A 100 104.39 -23.24 -78.46
C GLU A 100 104.26 -22.86 -79.94
N GLU A 101 104.46 -21.60 -80.32
CA GLU A 101 104.68 -21.37 -81.76
C GLU A 101 105.75 -20.32 -82.08
N GLY B 1 -22.22 3.15 3.49
CA GLY B 1 -20.88 3.08 4.16
C GLY B 1 -19.77 3.51 3.25
N ALA B 2 -18.54 3.21 3.66
CA ALA B 2 -17.37 3.56 2.85
C ALA B 2 -17.30 2.57 1.70
N SER B 3 -17.46 3.06 0.47
CA SER B 3 -17.21 2.21 -0.67
C SER B 3 -15.76 1.82 -0.56
N MET B 4 -15.41 0.74 -1.25
CA MET B 4 -14.07 0.23 -1.24
C MET B 4 -13.30 0.88 -2.37
N GLU B 5 -13.95 1.84 -3.01
CA GLU B 5 -13.46 2.48 -4.22
C GLU B 5 -12.00 2.88 -4.16
N ALA B 6 -11.65 3.69 -3.18
CA ALA B 6 -10.27 4.10 -3.03
C ALA B 6 -9.35 2.92 -2.71
N ILE B 7 -9.78 1.97 -1.91
CA ILE B 7 -8.91 0.80 -1.70
C ILE B 7 -8.64 0.04 -3.00
N LYS B 8 -9.66 -0.30 -3.78
CA LYS B 8 -9.33 -1.05 -4.99
C LYS B 8 -8.59 -0.22 -6.03
N LYS B 9 -8.85 1.08 -6.07
CA LYS B 9 -8.03 2.03 -6.84
C LYS B 9 -6.55 2.00 -6.52
N LYS B 10 -6.22 1.82 -5.25
CA LYS B 10 -4.85 1.90 -4.78
C LYS B 10 -4.16 0.59 -5.06
N MET B 11 -4.96 -0.45 -5.15
CA MET B 11 -4.43 -1.73 -5.41
C MET B 11 -4.07 -1.84 -6.86
N GLN B 12 -4.91 -1.29 -7.72
CA GLN B 12 -4.65 -1.36 -9.13
C GLN B 12 -3.39 -0.57 -9.49
N MET B 13 -3.17 0.57 -8.83
CA MET B 13 -1.93 1.31 -9.01
C MET B 13 -0.71 0.48 -8.65
N LEU B 14 -0.75 -0.18 -7.51
CA LEU B 14 0.39 -0.97 -7.09
C LEU B 14 0.69 -2.04 -8.11
N LYS B 15 -0.36 -2.65 -8.66
CA LYS B 15 -0.23 -3.66 -9.70
C LYS B 15 0.34 -3.11 -10.96
N LEU B 16 -0.12 -1.94 -11.32
CA LEU B 16 0.40 -1.29 -12.50
C LEU B 16 1.89 -1.02 -12.37
N ASP B 17 2.28 -0.50 -11.21
CA ASP B 17 3.67 -0.20 -10.91
C ASP B 17 4.54 -1.41 -10.98
N LYS B 18 4.06 -2.48 -10.41
CA LYS B 18 4.77 -3.71 -10.44
C LYS B 18 4.92 -4.14 -11.89
N GLU B 19 3.85 -4.01 -12.66
CA GLU B 19 3.87 -4.37 -14.06
C GLU B 19 4.87 -3.54 -14.87
N ASN B 20 4.87 -2.22 -14.63
CA ASN B 20 5.81 -1.33 -15.31
C ASN B 20 7.27 -1.69 -15.04
N ALA B 21 7.56 -2.06 -13.80
CA ALA B 21 8.90 -2.43 -13.35
C ALA B 21 9.33 -3.74 -13.96
N ILE B 22 8.38 -4.63 -14.16
CA ILE B 22 8.76 -5.90 -14.70
C ILE B 22 9.13 -5.71 -16.17
N ASP B 23 8.38 -4.86 -16.87
CA ASP B 23 8.68 -4.55 -18.24
C ASP B 23 10.09 -4.01 -18.32
N ARG B 24 10.39 -3.06 -17.45
CA ARG B 24 11.71 -2.45 -17.33
C ARG B 24 12.81 -3.50 -17.14
N ALA B 25 12.60 -4.44 -16.23
CA ALA B 25 13.63 -5.44 -15.94
C ALA B 25 13.86 -6.33 -17.14
N GLU B 26 12.80 -6.74 -17.81
CA GLU B 26 12.99 -7.67 -18.90
C GLU B 26 13.50 -7.01 -20.17
N GLN B 27 13.30 -5.71 -20.34
CA GLN B 27 13.96 -5.09 -21.47
C GLN B 27 15.43 -4.96 -21.13
N ALA B 28 15.74 -4.51 -19.92
CA ALA B 28 17.14 -4.36 -19.56
C ALA B 28 17.84 -5.70 -19.73
N GLU B 29 17.20 -6.77 -19.25
CA GLU B 29 17.80 -8.10 -19.32
C GLU B 29 18.07 -8.57 -20.73
N ALA B 30 17.16 -8.24 -21.64
CA ALA B 30 17.27 -8.60 -23.05
C ALA B 30 18.40 -7.81 -23.67
N ASP B 31 18.48 -6.54 -23.29
CA ASP B 31 19.55 -5.65 -23.71
C ASP B 31 20.88 -6.11 -23.16
N LYS B 32 20.87 -6.67 -21.96
CA LYS B 32 22.11 -7.13 -21.40
C LYS B 32 22.66 -8.28 -22.22
N LYS B 33 21.74 -9.06 -22.79
CA LYS B 33 22.09 -10.20 -23.63
C LYS B 33 22.55 -9.77 -25.02
N GLN B 34 22.07 -8.60 -25.46
CA GLN B 34 22.52 -7.99 -26.71
C GLN B 34 24.03 -7.83 -26.64
N ALA B 35 24.47 -7.13 -25.60
CA ALA B 35 25.85 -6.72 -25.41
C ALA B 35 26.76 -7.91 -25.19
N GLU B 36 26.30 -8.88 -24.40
CA GLU B 36 27.09 -10.05 -24.11
C GLU B 36 27.24 -10.95 -25.34
N ASP B 37 26.27 -10.90 -26.26
CA ASP B 37 26.42 -11.56 -27.56
C ASP B 37 27.54 -10.89 -28.37
N ARG B 38 27.48 -9.56 -28.47
CA ARG B 38 28.52 -8.81 -29.19
C ARG B 38 29.89 -9.06 -28.55
N CYS B 39 29.93 -9.02 -27.22
CA CYS B 39 31.15 -9.31 -26.48
C CYS B 39 31.75 -10.64 -26.90
N LYS B 40 30.90 -11.67 -26.90
CA LYS B 40 31.28 -13.01 -27.34
C LYS B 40 31.64 -13.04 -28.82
N GLN B 41 31.45 -11.92 -29.51
CA GLN B 41 31.75 -11.82 -30.94
C GLN B 41 33.14 -11.22 -31.17
N LEU B 42 33.44 -10.12 -30.49
CA LEU B 42 34.67 -9.40 -30.73
C LEU B 42 35.83 -10.15 -30.09
N GLU B 43 35.66 -10.61 -28.87
CA GLU B 43 36.76 -11.30 -28.22
C GLU B 43 37.18 -12.38 -29.18
N GLU B 44 36.22 -12.97 -29.89
CA GLU B 44 36.54 -13.98 -30.88
C GLU B 44 37.16 -13.37 -32.15
N GLU B 45 36.63 -12.23 -32.60
CA GLU B 45 37.22 -11.51 -33.73
C GLU B 45 38.64 -10.99 -33.40
N GLN B 46 38.84 -10.52 -32.15
CA GLN B 46 40.15 -10.10 -31.65
C GLN B 46 41.14 -11.25 -31.74
N GLN B 47 40.70 -12.41 -31.28
CA GLN B 47 41.47 -13.64 -31.34
C GLN B 47 41.82 -13.95 -32.79
N GLY B 48 40.85 -13.76 -33.69
CA GLY B 48 41.05 -13.92 -35.13
C GLY B 48 42.12 -13.00 -35.69
N LEU B 49 41.97 -11.69 -35.43
CA LEU B 49 42.94 -10.72 -35.91
C LEU B 49 44.38 -11.13 -35.61
N GLN B 50 44.66 -11.47 -34.36
CA GLN B 50 46.03 -11.81 -33.94
C GLN B 50 46.62 -13.00 -34.69
N LYS B 51 45.81 -14.01 -35.01
CA LYS B 51 46.33 -15.16 -35.74
C LYS B 51 46.70 -14.76 -37.17
N LYS B 52 45.81 -14.02 -37.84
CA LYS B 52 46.13 -13.43 -39.14
C LYS B 52 47.42 -12.65 -38.95
N LEU B 53 47.48 -11.90 -37.85
CA LEU B 53 48.55 -10.96 -37.59
C LEU B 53 49.87 -11.66 -37.35
N LYS B 54 49.88 -12.69 -36.51
CA LYS B 54 51.12 -13.37 -36.20
C LYS B 54 51.67 -14.03 -37.47
N GLY B 55 50.75 -14.50 -38.31
CA GLY B 55 51.10 -15.11 -39.59
C GLY B 55 51.64 -14.07 -40.54
N THR B 56 51.12 -12.85 -40.42
CA THR B 56 51.62 -11.71 -41.17
C THR B 56 53.05 -11.38 -40.73
N GLU B 57 53.28 -11.41 -39.42
CA GLU B 57 54.61 -11.23 -38.83
C GLU B 57 55.52 -12.39 -39.21
N ASP B 58 54.92 -13.59 -39.28
CA ASP B 58 55.61 -14.81 -39.66
C ASP B 58 56.04 -14.75 -41.13
N GLU B 59 55.21 -14.14 -41.96
CA GLU B 59 55.55 -13.84 -43.34
C GLU B 59 56.72 -12.86 -43.36
N VAL B 60 56.62 -11.78 -42.60
CA VAL B 60 57.65 -10.73 -42.57
C VAL B 60 59.03 -11.23 -42.13
N GLU B 61 59.07 -12.15 -41.19
CA GLU B 61 60.34 -12.71 -40.77
C GLU B 61 60.95 -13.50 -41.93
N LYS B 62 60.12 -14.34 -42.56
CA LYS B 62 60.53 -15.10 -43.73
C LYS B 62 61.19 -14.22 -44.79
N TYR B 63 60.77 -12.95 -44.85
CA TYR B 63 61.30 -11.99 -45.82
C TYR B 63 62.43 -11.12 -45.24
N SER B 64 62.95 -11.49 -44.07
CA SER B 64 64.12 -10.82 -43.52
C SER B 64 65.34 -11.71 -43.62
N GLU B 65 65.15 -13.01 -43.37
CA GLU B 65 66.20 -14.00 -43.57
C GLU B 65 66.57 -14.06 -45.05
N SER B 66 65.56 -14.05 -45.91
CA SER B 66 65.75 -14.05 -47.37
C SER B 66 66.59 -12.87 -47.84
N VAL B 67 66.30 -11.68 -47.33
CA VAL B 67 67.13 -10.48 -47.56
C VAL B 67 68.58 -10.74 -47.15
N LYS B 68 68.76 -11.23 -45.92
CA LYS B 68 70.08 -11.46 -45.34
C LYS B 68 70.82 -12.64 -45.97
N GLU B 69 70.05 -13.57 -46.52
CA GLU B 69 70.63 -14.66 -47.30
C GLU B 69 71.36 -14.03 -48.48
N ALA B 70 70.64 -13.21 -49.25
CA ALA B 70 71.20 -12.50 -50.41
C ALA B 70 72.37 -11.58 -50.05
N GLN B 71 72.25 -10.87 -48.93
CA GLN B 71 73.36 -10.05 -48.41
C GLN B 71 74.65 -10.84 -48.41
N GLU B 72 74.61 -12.03 -47.80
CA GLU B 72 75.77 -12.91 -47.72
C GLU B 72 76.22 -13.39 -49.09
N LYS B 73 75.30 -13.94 -49.88
CA LYS B 73 75.72 -14.49 -51.18
C LYS B 73 76.39 -13.44 -52.01
N LEU B 74 75.94 -12.20 -51.82
CA LEU B 74 76.52 -11.04 -52.46
C LEU B 74 77.96 -10.84 -52.00
N GLU B 75 78.18 -10.97 -50.69
CA GLU B 75 79.52 -10.97 -50.12
C GLU B 75 80.41 -11.98 -50.83
N GLN B 76 79.91 -13.22 -50.92
CA GLN B 76 80.63 -14.30 -51.60
C GLN B 76 80.93 -13.88 -53.01
N ALA B 77 79.89 -13.40 -53.69
CA ALA B 77 80.01 -13.08 -55.11
C ALA B 77 81.13 -12.06 -55.32
N GLU B 78 81.28 -11.14 -54.39
CA GLU B 78 82.33 -10.13 -54.50
C GLU B 78 83.68 -10.74 -54.29
N LYS B 79 83.87 -11.35 -53.12
CA LYS B 79 85.14 -12.00 -52.88
C LYS B 79 85.49 -12.74 -54.16
N LYS B 80 84.52 -13.39 -54.77
CA LYS B 80 84.85 -14.15 -55.97
C LYS B 80 85.34 -13.29 -57.12
N ALA B 81 84.62 -12.20 -57.37
CA ALA B 81 85.01 -11.26 -58.40
C ALA B 81 86.39 -10.70 -58.11
N THR B 82 86.57 -10.20 -56.89
CA THR B 82 87.83 -9.54 -56.54
C THR B 82 89.01 -10.51 -56.59
N ASP B 83 88.81 -11.77 -56.27
CA ASP B 83 89.93 -12.67 -56.34
C ASP B 83 90.28 -12.99 -57.78
N ALA B 84 89.25 -13.25 -58.59
CA ALA B 84 89.43 -13.51 -60.02
C ALA B 84 90.23 -12.39 -60.67
N GLU B 85 89.87 -11.16 -60.33
CA GLU B 85 90.50 -9.94 -60.79
C GLU B 85 91.97 -9.81 -60.41
N ALA B 86 92.27 -10.13 -59.16
CA ALA B 86 93.63 -9.99 -58.69
C ALA B 86 94.46 -10.95 -59.51
N GLU B 87 93.84 -12.05 -59.90
CA GLU B 87 94.55 -13.01 -60.70
C GLU B 87 94.83 -12.50 -62.11
N VAL B 88 93.88 -11.84 -62.77
CA VAL B 88 94.26 -11.34 -64.09
C VAL B 88 95.36 -10.31 -63.95
N ALA B 89 95.29 -9.51 -62.88
CA ALA B 89 96.28 -8.48 -62.66
C ALA B 89 97.67 -9.08 -62.46
N SER B 90 97.73 -10.20 -61.79
CA SER B 90 98.98 -10.85 -61.56
C SER B 90 99.51 -11.45 -62.87
N LEU B 91 98.66 -12.11 -63.62
CA LEU B 91 99.07 -12.58 -64.95
C LEU B 91 99.59 -11.45 -65.83
N ASN B 92 98.92 -10.30 -65.79
CA ASN B 92 99.38 -9.13 -66.54
C ASN B 92 100.76 -8.65 -66.13
N ARG B 93 100.99 -8.57 -64.83
CA ARG B 93 102.28 -8.11 -64.31
C ARG B 93 103.37 -9.06 -64.80
N ARG B 94 103.06 -10.35 -64.82
CA ARG B 94 104.01 -11.35 -65.30
C ARG B 94 104.30 -11.29 -66.77
N ILE B 95 103.28 -11.10 -67.56
CA ILE B 95 103.51 -11.00 -68.97
C ILE B 95 104.38 -9.79 -69.22
N GLN B 96 104.08 -8.69 -68.55
CA GLN B 96 104.86 -7.50 -68.78
C GLN B 96 106.34 -7.79 -68.46
N LEU B 97 106.63 -8.44 -67.34
CA LEU B 97 108.03 -8.72 -67.01
C LEU B 97 108.71 -9.55 -68.07
N VAL B 98 108.03 -10.58 -68.54
CA VAL B 98 108.64 -11.43 -69.53
C VAL B 98 109.01 -10.68 -70.81
N GLU B 99 108.07 -9.87 -71.30
CA GLU B 99 108.28 -9.12 -72.54
C GLU B 99 109.40 -8.10 -72.34
N GLU B 100 109.67 -7.75 -71.09
CA GLU B 100 110.73 -6.80 -70.78
C GLU B 100 112.10 -7.43 -70.66
N GLU B 101 112.20 -8.76 -70.65
CA GLU B 101 113.51 -9.31 -70.36
C GLU B 101 113.83 -10.60 -71.07
N GLY C 1 25.35 -14.61 -5.76
CA GLY C 1 24.65 -13.31 -6.00
C GLY C 1 23.16 -13.51 -6.16
N ALA C 2 22.75 -14.41 -7.02
CA ALA C 2 21.33 -14.65 -7.17
C ALA C 2 20.91 -15.11 -5.79
N SER C 3 21.89 -15.58 -5.02
CA SER C 3 21.65 -16.13 -3.70
C SER C 3 21.47 -15.05 -2.65
N MET C 4 21.93 -13.83 -2.95
CA MET C 4 21.65 -12.72 -2.07
C MET C 4 20.20 -12.30 -2.14
N GLU C 5 19.60 -12.48 -3.31
CA GLU C 5 18.20 -12.11 -3.47
C GLU C 5 17.23 -13.11 -2.87
N ALA C 6 17.56 -14.39 -2.90
CA ALA C 6 16.72 -15.38 -2.24
C ALA C 6 16.76 -15.09 -0.75
N ILE C 7 17.94 -14.70 -0.28
CA ILE C 7 18.09 -14.41 1.12
C ILE C 7 17.29 -13.19 1.52
N LYS C 8 17.29 -12.16 0.68
CA LYS C 8 16.63 -10.91 1.08
C LYS C 8 15.11 -11.04 1.13
N LYS C 9 14.53 -11.88 0.26
CA LYS C 9 13.08 -12.05 0.20
C LYS C 9 12.59 -13.01 1.26
N LYS C 10 13.48 -13.90 1.65
CA LYS C 10 13.29 -14.70 2.84
C LYS C 10 13.27 -13.78 4.05
N MET C 11 14.26 -12.91 4.15
CA MET C 11 14.30 -11.98 5.25
C MET C 11 13.10 -11.09 5.29
N GLN C 12 12.57 -10.73 4.13
CA GLN C 12 11.47 -9.78 4.12
C GLN C 12 10.11 -10.41 4.41
N MET C 13 9.94 -11.70 4.11
CA MET C 13 8.74 -12.38 4.56
C MET C 13 8.77 -12.57 6.07
N LEU C 14 9.97 -12.75 6.62
CA LEU C 14 10.12 -12.88 8.07
C LEU C 14 9.62 -11.65 8.80
N LYS C 15 9.96 -10.48 8.28
CA LYS C 15 9.57 -9.22 8.91
C LYS C 15 8.08 -9.01 8.84
N LEU C 16 7.53 -9.41 7.70
CA LEU C 16 6.16 -9.15 7.37
C LEU C 16 5.28 -9.96 8.31
N ASP C 17 5.58 -11.25 8.38
CA ASP C 17 4.83 -12.18 9.21
C ASP C 17 4.87 -11.80 10.67
N LYS C 18 6.06 -11.43 11.13
CA LYS C 18 6.22 -11.00 12.49
C LYS C 18 5.41 -9.72 12.74
N GLU C 19 5.49 -8.76 11.82
CA GLU C 19 4.76 -7.50 11.92
C GLU C 19 3.27 -7.72 12.12
N ASN C 20 2.73 -8.64 11.33
CA ASN C 20 1.32 -8.95 11.36
C ASN C 20 0.95 -9.75 12.59
N ALA C 21 1.81 -10.69 12.94
CA ALA C 21 1.63 -11.50 14.14
C ALA C 21 1.50 -10.62 15.38
N ILE C 22 2.40 -9.65 15.51
CA ILE C 22 2.33 -8.67 16.61
C ILE C 22 1.13 -7.75 16.48
N ASP C 23 0.81 -7.34 15.25
CA ASP C 23 -0.33 -6.46 15.02
C ASP C 23 -1.62 -7.03 15.60
N ARG C 24 -1.97 -8.26 15.24
CA ARG C 24 -3.18 -8.89 15.77
C ARG C 24 -3.07 -9.06 17.28
N ALA C 25 -1.87 -9.45 17.73
CA ALA C 25 -1.57 -9.54 19.16
C ALA C 25 -2.02 -8.28 19.88
N GLU C 26 -1.72 -7.13 19.28
CA GLU C 26 -2.08 -5.84 19.84
C GLU C 26 -3.57 -5.52 19.71
N GLN C 27 -4.20 -6.06 18.67
CA GLN C 27 -5.65 -5.89 18.52
C GLN C 27 -6.43 -6.76 19.49
N ALA C 28 -6.06 -8.04 19.57
CA ALA C 28 -6.66 -8.96 20.53
C ALA C 28 -6.40 -8.49 21.95
N GLU C 29 -5.20 -7.99 22.20
CA GLU C 29 -4.85 -7.31 23.45
C GLU C 29 -5.92 -6.28 23.81
N ALA C 30 -6.21 -5.39 22.85
CA ALA C 30 -7.12 -4.27 23.03
C ALA C 30 -8.56 -4.65 23.38
N ASP C 31 -9.22 -5.44 22.51
CA ASP C 31 -10.61 -5.85 22.78
C ASP C 31 -10.74 -6.82 23.96
N LYS C 32 -9.79 -7.77 24.07
CA LYS C 32 -9.70 -8.69 25.22
C LYS C 32 -9.85 -7.93 26.52
N LYS C 33 -9.33 -6.71 26.49
CA LYS C 33 -9.34 -5.81 27.63
C LYS C 33 -10.70 -5.16 27.87
N GLN C 34 -11.29 -4.59 26.81
CA GLN C 34 -12.60 -3.92 26.90
C GLN C 34 -13.66 -4.87 27.43
N ALA C 35 -13.53 -6.13 27.03
CA ALA C 35 -14.35 -7.21 27.54
C ALA C 35 -14.53 -7.10 29.05
N GLU C 36 -13.54 -6.55 29.75
CA GLU C 36 -13.64 -6.31 31.18
CA GLU C 36 -13.62 -6.30 31.19
C GLU C 36 -14.23 -4.93 31.47
N ASP C 37 -13.82 -3.93 30.70
CA ASP C 37 -14.32 -2.56 30.86
C ASP C 37 -15.86 -2.50 30.76
N ARG C 38 -16.40 -3.16 29.73
CA ARG C 38 -17.85 -3.33 29.59
C ARG C 38 -18.36 -4.43 30.54
N CYS C 39 -17.68 -5.58 30.54
CA CYS C 39 -18.12 -6.75 31.32
C CYS C 39 -18.17 -6.51 32.82
N LYS C 40 -17.25 -5.69 33.34
CA LYS C 40 -17.31 -5.30 34.75
C LYS C 40 -18.70 -4.71 35.01
N GLN C 41 -19.10 -3.76 34.15
CA GLN C 41 -20.39 -3.08 34.30
C GLN C 41 -21.52 -4.09 34.46
N LEU C 42 -21.52 -5.13 33.62
CA LEU C 42 -22.47 -6.23 33.78
C LEU C 42 -22.47 -6.77 35.22
N GLU C 43 -21.29 -6.88 35.82
CA GLU C 43 -21.17 -7.25 37.25
C GLU C 43 -21.65 -6.14 38.20
N GLU C 44 -21.44 -4.88 37.83
CA GLU C 44 -22.02 -3.77 38.59
C GLU C 44 -23.54 -3.87 38.47
N GLU C 45 -24.03 -3.87 37.24
CA GLU C 45 -25.46 -3.98 36.92
C GLU C 45 -26.15 -5.03 37.79
N GLN C 46 -25.43 -6.10 38.11
CA GLN C 46 -25.86 -7.12 39.07
C GLN C 46 -26.24 -6.55 40.43
N GLN C 47 -25.45 -5.59 40.89
CA GLN C 47 -25.57 -5.08 42.26
C GLN C 47 -26.56 -3.94 42.39
N GLY C 48 -26.84 -3.26 41.28
CA GLY C 48 -27.98 -2.37 41.21
C GLY C 48 -29.23 -3.23 41.34
N LEU C 49 -29.15 -4.47 40.85
CA LEU C 49 -30.29 -5.37 40.85
C LEU C 49 -30.46 -6.14 42.16
N GLN C 50 -29.38 -6.69 42.70
CA GLN C 50 -29.47 -7.39 43.98
C GLN C 50 -30.03 -6.50 45.09
N LYS C 51 -29.74 -5.20 45.00
CA LYS C 51 -30.34 -4.20 45.90
C LYS C 51 -31.77 -3.87 45.48
N LYS C 52 -32.02 -3.72 44.18
CA LYS C 52 -33.36 -3.44 43.69
C LYS C 52 -34.29 -4.53 44.17
N LEU C 53 -33.84 -5.78 44.00
CA LEU C 53 -34.57 -6.96 44.44
C LEU C 53 -34.98 -6.84 45.89
N LYS C 54 -34.01 -6.54 46.75
CA LYS C 54 -34.25 -6.47 48.18
C LYS C 54 -35.11 -5.27 48.60
N GLY C 55 -34.89 -4.13 47.96
CA GLY C 55 -35.75 -2.96 48.19
C GLY C 55 -37.18 -3.33 47.87
N THR C 56 -37.33 -4.09 46.79
CA THR C 56 -38.60 -4.59 46.32
C THR C 56 -39.16 -5.71 47.22
N GLU C 57 -38.28 -6.55 47.74
CA GLU C 57 -38.66 -7.65 48.65
C GLU C 57 -39.00 -7.13 50.04
N ASP C 58 -38.36 -6.03 50.44
CA ASP C 58 -38.74 -5.31 51.64
C ASP C 58 -40.20 -4.90 51.52
N GLU C 59 -40.54 -4.29 50.39
CA GLU C 59 -41.90 -3.84 50.13
C GLU C 59 -42.94 -4.95 50.19
N VAL C 60 -42.63 -6.11 49.60
CA VAL C 60 -43.53 -7.26 49.67
C VAL C 60 -43.93 -7.53 51.13
N GLU C 61 -42.97 -7.40 52.03
CA GLU C 61 -43.17 -7.77 53.42
C GLU C 61 -43.92 -6.71 54.20
N LYS C 62 -43.51 -5.44 54.04
CA LYS C 62 -44.25 -4.33 54.63
CA LYS C 62 -44.24 -4.29 54.58
C LYS C 62 -45.71 -4.38 54.17
N TYR C 63 -45.94 -4.92 52.98
CA TYR C 63 -47.27 -5.14 52.45
C TYR C 63 -47.99 -6.31 53.13
N SER C 64 -47.26 -7.39 53.42
CA SER C 64 -47.85 -8.57 54.06
C SER C 64 -48.23 -8.31 55.51
N GLU C 65 -47.42 -7.51 56.21
CA GLU C 65 -47.73 -7.17 57.60
C GLU C 65 -48.86 -6.15 57.66
N SER C 66 -49.02 -5.37 56.59
CA SER C 66 -50.14 -4.43 56.44
C SER C 66 -51.46 -5.16 56.22
N VAL C 67 -51.40 -6.32 55.55
CA VAL C 67 -52.59 -7.11 55.24
C VAL C 67 -53.23 -7.71 56.50
N LYS C 68 -52.41 -8.26 57.39
CA LYS C 68 -52.93 -8.97 58.56
C LYS C 68 -53.21 -8.06 59.75
N GLU C 69 -52.66 -6.85 59.69
CA GLU C 69 -53.11 -5.76 60.56
C GLU C 69 -54.58 -5.49 60.22
N ALA C 70 -54.84 -5.42 58.91
CA ALA C 70 -56.13 -5.02 58.35
C ALA C 70 -57.25 -5.98 58.72
N GLN C 71 -56.99 -7.29 58.56
CA GLN C 71 -57.93 -8.33 58.97
C GLN C 71 -58.23 -8.21 60.46
N GLU C 72 -57.17 -8.24 61.27
CA GLU C 72 -57.27 -8.14 62.74
C GLU C 72 -58.16 -7.00 63.19
N LYS C 73 -58.01 -5.83 62.54
CA LYS C 73 -58.83 -4.67 62.88
C LYS C 73 -60.29 -4.86 62.45
N LEU C 74 -60.52 -5.56 61.34
CA LEU C 74 -61.87 -5.96 60.95
C LEU C 74 -62.44 -6.96 61.93
N GLU C 75 -61.65 -7.98 62.30
CA GLU C 75 -62.11 -8.99 63.27
C GLU C 75 -62.81 -8.30 64.43
N GLN C 76 -62.19 -7.24 64.94
CA GLN C 76 -62.82 -6.40 65.96
C GLN C 76 -64.13 -5.81 65.43
N ALA C 77 -64.09 -5.20 64.26
CA ALA C 77 -65.28 -4.62 63.64
C ALA C 77 -66.38 -5.68 63.36
N GLU C 78 -65.95 -6.90 62.96
CA GLU C 78 -66.87 -8.02 62.79
C GLU C 78 -67.60 -8.29 64.11
N LYS C 79 -66.84 -8.32 65.20
CA LYS C 79 -67.38 -8.61 66.52
C LYS C 79 -68.31 -7.49 66.94
N LYS C 80 -67.81 -6.26 66.86
CA LYS C 80 -68.54 -5.05 67.21
C LYS C 80 -69.97 -5.08 66.66
N ALA C 81 -70.08 -5.47 65.39
CA ALA C 81 -71.36 -5.53 64.70
C ALA C 81 -72.25 -6.64 65.24
N THR C 82 -71.64 -7.81 65.44
CA THR C 82 -72.37 -9.00 65.91
C THR C 82 -72.89 -8.82 67.32
N ASP C 83 -72.11 -8.11 68.14
CA ASP C 83 -72.52 -7.78 69.50
C ASP C 83 -73.76 -6.95 69.52
N ALA C 84 -73.78 -6.01 68.61
CA ALA C 84 -74.85 -5.06 68.53
C ALA C 84 -76.18 -5.70 68.12
N GLU C 85 -76.16 -6.58 67.12
CA GLU C 85 -77.39 -7.27 66.75
C GLU C 85 -77.90 -8.11 67.89
N ALA C 86 -76.98 -8.59 68.73
CA ALA C 86 -77.32 -9.46 69.85
C ALA C 86 -78.13 -8.73 70.91
N GLU C 87 -77.78 -7.47 71.16
CA GLU C 87 -78.51 -6.65 72.13
C GLU C 87 -79.88 -6.30 71.59
N VAL C 88 -79.93 -5.96 70.30
CA VAL C 88 -81.21 -5.75 69.64
C VAL C 88 -82.09 -6.95 69.95
N ALA C 89 -81.59 -8.16 69.67
CA ALA C 89 -82.36 -9.40 69.86
C ALA C 89 -82.81 -9.63 71.30
N SER C 90 -81.91 -9.31 72.24
CA SER C 90 -82.16 -9.48 73.68
C SER C 90 -83.21 -8.50 74.19
N LEU C 91 -83.09 -7.24 73.79
CA LEU C 91 -84.08 -6.23 74.10
C LEU C 91 -85.38 -6.57 73.42
N ASN C 92 -85.29 -6.97 72.16
CA ASN C 92 -86.51 -7.33 71.45
C ASN C 92 -87.21 -8.42 72.23
N ARG C 93 -86.44 -9.39 72.68
CA ARG C 93 -86.96 -10.52 73.38
C ARG C 93 -87.68 -10.10 74.66
N ARG C 94 -87.01 -9.36 75.52
CA ARG C 94 -87.60 -9.08 76.81
C ARG C 94 -88.58 -7.94 76.80
N ILE C 95 -88.53 -7.10 75.78
CA ILE C 95 -89.61 -6.16 75.57
C ILE C 95 -90.87 -6.99 75.34
N GLN C 96 -90.72 -8.04 74.53
CA GLN C 96 -91.78 -8.98 74.21
C GLN C 96 -92.23 -9.80 75.43
N LEU C 97 -91.28 -10.22 76.27
CA LEU C 97 -91.64 -10.97 77.46
C LEU C 97 -92.52 -10.11 78.34
N VAL C 98 -92.17 -8.84 78.45
CA VAL C 98 -92.97 -7.89 79.21
C VAL C 98 -94.36 -7.69 78.58
N GLU C 99 -94.41 -7.81 77.25
CA GLU C 99 -95.65 -7.71 76.51
C GLU C 99 -96.62 -8.82 76.89
N GLU C 100 -96.12 -10.05 76.97
CA GLU C 100 -96.91 -11.22 77.36
C GLU C 100 -97.70 -11.01 78.65
N GLU C 101 -97.08 -10.37 79.65
CA GLU C 101 -97.71 -10.13 80.95
C GLU C 101 -96.90 -9.16 81.82
N GLY D 1 8.93 15.20 -3.73
CA GLY D 1 8.94 16.64 -3.36
C GLY D 1 8.11 16.96 -2.14
N ALA D 2 7.21 17.92 -2.30
CA ALA D 2 6.54 18.56 -1.17
C ALA D 2 5.30 17.83 -0.65
N SER D 3 5.22 17.77 0.68
CA SER D 3 4.07 17.27 1.39
C SER D 3 2.76 17.91 0.94
N MET D 4 1.71 17.10 0.95
CA MET D 4 0.35 17.57 0.78
C MET D 4 -0.42 17.10 2.00
N GLU D 5 0.33 16.89 3.08
CA GLU D 5 -0.20 16.38 4.34
C GLU D 5 -1.19 17.37 4.94
N ALA D 6 -0.81 18.64 4.96
CA ALA D 6 -1.71 19.71 5.41
C ALA D 6 -2.93 19.85 4.50
N ILE D 7 -2.73 19.79 3.18
CA ILE D 7 -3.84 19.78 2.24
C ILE D 7 -4.86 18.68 2.58
N LYS D 8 -4.37 17.45 2.76
CA LYS D 8 -5.23 16.28 2.97
C LYS D 8 -6.01 16.29 4.28
N LYS D 9 -5.33 16.65 5.37
CA LYS D 9 -5.99 16.79 6.67
C LYS D 9 -7.05 17.90 6.61
N LYS D 10 -6.86 18.91 5.78
CA LYS D 10 -7.87 19.94 5.59
C LYS D 10 -9.16 19.45 4.94
N MET D 11 -8.99 18.65 3.90
CA MET D 11 -10.10 18.09 3.17
C MET D 11 -10.90 17.14 4.04
N GLN D 12 -10.22 16.32 4.82
CA GLN D 12 -10.92 15.39 5.65
C GLN D 12 -11.76 16.14 6.62
N MET D 13 -11.20 17.18 7.19
CA MET D 13 -11.88 17.94 8.19
C MET D 13 -13.16 18.55 7.61
N LEU D 14 -13.04 19.13 6.42
CA LEU D 14 -14.22 19.66 5.75
C LEU D 14 -15.31 18.67 5.29
N LYS D 15 -14.90 17.52 4.79
CA LYS D 15 -15.85 16.49 4.40
C LYS D 15 -16.50 15.94 5.64
N LEU D 16 -15.73 15.97 6.69
CA LEU D 16 -16.18 15.42 7.93
C LEU D 16 -17.37 16.21 8.29
N ASP D 17 -17.35 17.50 8.04
CA ASP D 17 -18.52 18.34 8.26
C ASP D 17 -19.64 18.23 7.26
N LYS D 18 -19.41 17.81 6.05
CA LYS D 18 -20.55 17.77 5.20
C LYS D 18 -21.33 16.79 6.03
N GLU D 19 -20.62 15.77 6.46
CA GLU D 19 -21.18 14.68 7.24
C GLU D 19 -21.73 15.05 8.59
N ASN D 20 -21.06 15.94 9.29
CA ASN D 20 -21.53 16.42 10.56
C ASN D 20 -22.75 17.28 10.42
N ALA D 21 -22.73 18.12 9.39
CA ALA D 21 -23.75 19.10 9.11
C ALA D 21 -25.04 18.45 8.73
N ILE D 22 -24.94 17.38 7.96
CA ILE D 22 -26.15 16.64 7.63
C ILE D 22 -26.68 16.10 8.92
N ASP D 23 -25.78 15.76 9.82
CA ASP D 23 -26.21 15.25 11.11
C ASP D 23 -27.08 16.23 11.79
N ARG D 24 -26.68 17.48 11.85
CA ARG D 24 -27.57 18.47 12.47
C ARG D 24 -28.83 18.76 11.72
N ALA D 25 -28.77 18.72 10.40
CA ALA D 25 -29.97 18.97 9.67
C ALA D 25 -30.92 17.89 10.10
N GLU D 26 -30.40 16.69 10.23
CA GLU D 26 -31.22 15.60 10.66
C GLU D 26 -31.75 15.76 12.08
N GLN D 27 -30.89 16.12 13.02
CA GLN D 27 -31.31 16.20 14.41
C GLN D 27 -32.26 17.31 14.76
N ALA D 28 -31.97 18.49 14.29
CA ALA D 28 -32.76 19.65 14.64
C ALA D 28 -34.12 19.62 13.94
N GLU D 29 -34.17 19.03 12.75
CA GLU D 29 -35.45 18.77 12.11
C GLU D 29 -36.30 17.95 13.06
N ALA D 30 -35.70 16.88 13.59
CA ALA D 30 -36.35 15.96 14.50
C ALA D 30 -36.95 16.64 15.73
N ASP D 31 -36.12 17.36 16.49
CA ASP D 31 -36.59 17.97 17.74
C ASP D 31 -37.55 19.11 17.53
N LYS D 32 -37.32 19.90 16.48
CA LYS D 32 -38.23 20.98 16.13
C LYS D 32 -39.64 20.43 16.02
N LYS D 33 -39.79 19.33 15.27
CA LYS D 33 -41.10 18.76 15.08
C LYS D 33 -41.59 17.88 16.22
N GLN D 34 -40.69 17.57 17.16
CA GLN D 34 -41.10 16.87 18.37
C GLN D 34 -41.83 17.85 19.28
N ALA D 35 -41.31 19.08 19.37
CA ALA D 35 -41.97 20.16 20.09
C ALA D 35 -43.24 20.59 19.35
N GLU D 36 -43.22 20.57 18.02
CA GLU D 36 -44.45 20.85 17.26
C GLU D 36 -45.56 19.94 17.70
N ASP D 37 -45.29 18.63 17.69
CA ASP D 37 -46.28 17.62 18.04
C ASP D 37 -46.94 17.96 19.38
N ARG D 38 -46.12 18.31 20.37
CA ARG D 38 -46.61 18.71 21.69
C ARG D 38 -47.48 19.96 21.66
N CYS D 39 -47.03 21.01 20.97
CA CYS D 39 -47.84 22.21 20.77
C CYS D 39 -49.24 21.83 20.31
N LYS D 40 -49.33 20.80 19.50
CA LYS D 40 -50.58 20.39 18.87
C LYS D 40 -51.42 19.50 19.77
N GLN D 41 -50.77 18.56 20.46
CA GLN D 41 -51.45 17.80 21.51
C GLN D 41 -51.85 18.69 22.71
N LEU D 42 -51.11 19.78 22.89
CA LEU D 42 -51.42 20.81 23.89
C LEU D 42 -52.60 21.70 23.50
N GLU D 43 -52.70 22.03 22.21
CA GLU D 43 -53.80 22.85 21.70
C GLU D 43 -55.09 22.05 21.72
N GLU D 44 -54.96 20.77 21.40
CA GLU D 44 -56.06 19.81 21.49
C GLU D 44 -56.47 19.63 22.95
N GLU D 45 -55.49 19.78 23.85
CA GLU D 45 -55.76 19.75 25.28
C GLU D 45 -56.41 21.02 25.81
N GLN D 46 -56.12 22.16 25.17
CA GLN D 46 -56.81 23.40 25.50
C GLN D 46 -58.27 23.32 25.11
N GLN D 47 -58.52 22.76 23.93
CA GLN D 47 -59.86 22.58 23.39
C GLN D 47 -60.72 21.74 24.32
N GLY D 48 -60.15 20.62 24.80
CA GLY D 48 -60.82 19.75 25.75
C GLY D 48 -61.16 20.50 27.03
N LEU D 49 -60.18 21.26 27.50
CA LEU D 49 -60.25 22.03 28.74
C LEU D 49 -61.22 23.23 28.69
N GLN D 50 -61.45 23.77 27.49
CA GLN D 50 -62.40 24.86 27.32
C GLN D 50 -63.82 24.35 27.20
N LYS D 51 -63.97 23.17 26.61
CA LYS D 51 -65.29 22.53 26.49
CA LYS D 51 -65.29 22.54 26.49
C LYS D 51 -65.84 22.23 27.89
N LYS D 52 -64.97 21.79 28.79
CA LYS D 52 -65.35 21.48 30.16
C LYS D 52 -65.67 22.75 30.96
N LEU D 53 -65.14 23.89 30.50
CA LEU D 53 -65.41 25.19 31.09
C LEU D 53 -66.85 25.57 30.84
N LYS D 54 -67.25 25.45 29.58
CA LYS D 54 -68.61 25.69 29.15
C LYS D 54 -69.53 24.77 29.93
N GLY D 55 -69.12 23.49 30.02
CA GLY D 55 -69.90 22.46 30.71
C GLY D 55 -70.12 22.78 32.18
N THR D 56 -69.09 23.33 32.81
CA THR D 56 -69.14 23.62 34.24
C THR D 56 -69.83 24.96 34.54
N GLU D 57 -69.85 25.86 33.56
CA GLU D 57 -70.70 27.06 33.66
C GLU D 57 -72.06 26.86 32.98
N ASP D 58 -72.26 25.69 32.37
CA ASP D 58 -73.59 25.18 32.10
C ASP D 58 -74.21 24.82 33.44
N GLU D 59 -73.37 24.28 34.33
CA GLU D 59 -73.78 23.85 35.66
C GLU D 59 -74.15 25.01 36.57
N VAL D 60 -73.34 26.07 36.53
CA VAL D 60 -73.59 27.25 37.37
C VAL D 60 -74.97 27.85 37.07
N GLU D 61 -75.27 28.01 35.77
CA GLU D 61 -76.55 28.57 35.32
C GLU D 61 -77.73 27.74 35.83
N LYS D 62 -77.58 26.41 35.74
CA LYS D 62 -78.60 25.47 36.19
C LYS D 62 -78.91 25.68 37.67
N TYR D 63 -77.85 25.80 38.47
CA TYR D 63 -77.95 25.93 39.92
C TYR D 63 -78.49 27.28 40.38
N SER D 64 -78.02 28.35 39.74
CA SER D 64 -78.47 29.70 40.07
C SER D 64 -79.95 29.90 39.74
N GLU D 65 -80.38 29.33 38.62
CA GLU D 65 -81.80 29.24 38.26
C GLU D 65 -82.57 28.54 39.37
N SER D 66 -82.17 27.30 39.66
CA SER D 66 -82.82 26.48 40.68
C SER D 66 -82.98 27.23 42.00
N VAL D 67 -81.97 28.02 42.36
CA VAL D 67 -82.02 28.88 43.56
C VAL D 67 -83.18 29.89 43.49
N LYS D 68 -83.22 30.70 42.44
CA LYS D 68 -84.23 31.76 42.37
C LYS D 68 -85.64 31.19 42.35
N GLU D 69 -85.81 30.05 41.68
CA GLU D 69 -87.08 29.31 41.71
C GLU D 69 -87.45 28.90 43.13
N ALA D 70 -86.47 28.42 43.90
CA ALA D 70 -86.69 27.99 45.27
C ALA D 70 -87.08 29.15 46.20
N GLN D 71 -86.46 30.31 45.96
CA GLN D 71 -86.79 31.55 46.68
C GLN D 71 -88.20 32.04 46.37
N GLU D 72 -88.62 31.87 45.12
CA GLU D 72 -89.96 32.25 44.68
C GLU D 72 -90.98 31.40 45.44
N LYS D 73 -90.64 30.16 45.70
CA LYS D 73 -91.56 29.26 46.35
C LYS D 73 -91.50 29.34 47.85
N LEU D 74 -90.35 29.68 48.37
CA LEU D 74 -90.20 30.13 49.75
C LEU D 74 -91.13 31.31 49.96
N GLU D 75 -91.23 32.13 48.92
CA GLU D 75 -92.09 33.31 48.85
C GLU D 75 -93.56 32.95 48.96
N GLN D 76 -94.00 32.00 48.13
CA GLN D 76 -95.40 31.58 48.09
C GLN D 76 -95.76 30.80 49.34
N ALA D 77 -94.77 30.09 49.88
CA ALA D 77 -94.95 29.36 51.12
C ALA D 77 -95.16 30.31 52.29
N GLU D 78 -94.38 31.40 52.33
CA GLU D 78 -94.56 32.41 53.37
C GLU D 78 -95.92 33.08 53.24
N LYS D 79 -96.27 33.50 52.02
CA LYS D 79 -97.57 34.13 51.80
C LYS D 79 -98.69 33.27 52.39
N LYS D 80 -98.64 31.96 52.12
CA LYS D 80 -99.67 31.03 52.60
C LYS D 80 -99.81 31.11 54.12
N ALA D 81 -98.68 31.01 54.82
CA ALA D 81 -98.66 31.02 56.28
C ALA D 81 -99.30 32.27 56.87
N THR D 82 -99.01 33.43 56.28
CA THR D 82 -99.52 34.72 56.77
C THR D 82 -101.02 34.88 56.55
N ASP D 83 -101.50 34.52 55.35
CA ASP D 83 -102.93 34.64 55.05
C ASP D 83 -103.76 33.64 55.87
N ALA D 84 -103.19 32.46 56.14
CA ALA D 84 -103.83 31.45 56.99
C ALA D 84 -103.88 31.88 58.45
N GLU D 85 -102.79 32.46 58.95
CA GLU D 85 -102.73 32.98 60.32
C GLU D 85 -103.70 34.15 60.53
N ALA D 86 -103.88 34.95 59.49
CA ALA D 86 -104.81 36.07 59.52
C ALA D 86 -106.24 35.57 59.69
N GLU D 87 -106.57 34.45 59.05
CA GLU D 87 -107.87 33.80 59.20
C GLU D 87 -108.00 33.25 60.63
N VAL D 88 -106.87 32.81 61.21
CA VAL D 88 -106.79 32.41 62.62
C VAL D 88 -107.19 33.56 63.55
N ALA D 89 -106.61 34.73 63.31
CA ALA D 89 -106.86 35.91 64.14
C ALA D 89 -108.28 36.42 63.94
N SER D 90 -108.73 36.45 62.68
CA SER D 90 -110.11 36.79 62.33
C SER D 90 -111.12 35.89 63.05
N LEU D 91 -110.77 34.62 63.17
CA LEU D 91 -111.62 33.68 63.87
C LEU D 91 -111.50 33.90 65.37
N ASN D 92 -110.29 33.76 65.92
CA ASN D 92 -110.00 34.19 67.28
C ASN D 92 -110.87 35.41 67.67
N ARG D 93 -110.94 36.37 66.75
CA ARG D 93 -111.60 37.66 66.95
C ARG D 93 -113.13 37.58 67.09
N ARG D 94 -113.78 37.11 66.03
CA ARG D 94 -115.25 37.09 65.93
C ARG D 94 -115.88 36.18 66.99
N ILE D 95 -115.11 35.16 67.40
CA ILE D 95 -115.56 34.16 68.35
C ILE D 95 -115.48 34.63 69.80
N GLN D 96 -114.28 35.01 70.23
CA GLN D 96 -114.05 35.55 71.58
C GLN D 96 -114.86 36.83 71.81
N LEU D 97 -115.30 37.44 70.71
CA LEU D 97 -116.15 38.63 70.75
C LEU D 97 -117.44 38.37 71.55
N VAL D 98 -118.02 37.19 71.37
CA VAL D 98 -119.22 36.77 72.09
C VAL D 98 -118.94 36.54 73.58
#